data_4K7Y
#
_entry.id   4K7Y
#
_cell.length_a   141.327
_cell.length_b   141.327
_cell.length_c   42.832
_cell.angle_alpha   90.00
_cell.angle_beta   90.00
_cell.angle_gamma   90.00
#
_symmetry.space_group_name_H-M   'P 43 21 2'
#
loop_
_entity.id
_entity.type
_entity.pdbx_description
1 polymer 'NADPH dehydrogenase 1'
2 non-polymer 'FLAVIN MONONUCLEOTIDE'
3 non-polymer 'MAGNESIUM ION'
4 non-polymer DI(HYDROXYETHYL)ETHER
5 non-polymer 'CHLORIDE ION'
6 non-polymer 'SODIUM ION'
7 water water
#
_entity_poly.entity_id   1
_entity_poly.type   'polypeptide(L)'
_entity_poly.pdbx_seq_one_letter_code
;MSFVKDFKPQALGDTNLFKPIKIGNNELLHRAVIPPLTRMRALHPGNIPNRDWAVEYYTQRAQRPGTMIITEGAFISPQA
GGYDNAPGVWSEEQMVEWTKIFNAIHEKKSFVWVQLTVLGWAAFPDNLARDGLRYDSASDNVFMDAEQEAKAKKANNPQH
SLTKDEIKQYIKEYVQAAKNSIAAGADGVEIHSANGYLLNQFLDPHSNTRTDEYGGSIENRARFTLEVVDALVEAIGHEK
VGLRLSPYGVFNSMSGGAETGIVAQYAYVAGELEKRAKAGKRLAFVHLVEPRVTNPFLTEGEGEYEGGSNDFVYSIWKGP
VIRAGNFALHPEVVREEVKDKRTLIGYGRFFISNPDLVDRLEKGLPLNKYDRDTFYQMSAHGYIDYPTYEEALKLGWDKK
;
_entity_poly.pdbx_strand_id   A
#
loop_
_chem_comp.id
_chem_comp.type
_chem_comp.name
_chem_comp.formula
CL non-polymer 'CHLORIDE ION' 'Cl -1'
FMN non-polymer 'FLAVIN MONONUCLEOTIDE' 'C17 H21 N4 O9 P'
MG non-polymer 'MAGNESIUM ION' 'Mg 2'
NA non-polymer 'SODIUM ION' 'Na 1'
PEG non-polymer DI(HYDROXYETHYL)ETHER 'C4 H10 O3'
#
# COMPACT_ATOMS: atom_id res chain seq x y z
N SER A 2 1.98 5.71 25.58
CA SER A 2 2.34 4.53 26.39
CA SER A 2 2.29 4.51 26.39
C SER A 2 2.79 3.37 25.52
N PHE A 3 3.47 2.41 26.14
CA PHE A 3 3.84 1.18 25.47
C PHE A 3 2.65 0.21 25.48
N VAL A 4 2.60 -0.66 24.49
CA VAL A 4 1.58 -1.70 24.45
C VAL A 4 1.73 -2.58 25.67
N LYS A 5 0.66 -2.70 26.43
CA LYS A 5 0.69 -3.50 27.64
C LYS A 5 0.57 -4.97 27.27
N ASP A 6 1.26 -5.83 28.01
CA ASP A 6 1.11 -7.26 27.79
C ASP A 6 1.96 -7.77 26.63
N PHE A 7 2.36 -6.90 25.71
CA PHE A 7 3.19 -7.36 24.60
C PHE A 7 4.53 -7.85 25.15
N LYS A 8 4.91 -9.03 24.70
CA LYS A 8 6.20 -9.63 25.07
CA LYS A 8 6.20 -9.63 25.07
C LYS A 8 7.12 -9.58 23.86
N PRO A 9 7.99 -8.56 23.80
CA PRO A 9 8.83 -8.42 22.62
C PRO A 9 9.86 -9.52 22.49
N GLN A 10 10.30 -9.70 21.26
N GLN A 10 10.29 -9.76 21.25
CA GLN A 10 11.35 -10.64 20.90
CA GLN A 10 11.40 -10.66 20.97
C GLN A 10 12.39 -9.89 20.06
C GLN A 10 12.39 -9.97 20.05
N ALA A 11 13.67 -10.07 20.36
CA ALA A 11 14.71 -9.54 19.49
C ALA A 11 14.80 -10.37 18.20
N LEU A 12 14.70 -9.70 17.06
CA LEU A 12 14.72 -10.36 15.75
C LEU A 12 16.02 -10.16 14.99
N GLY A 13 17.01 -9.59 15.68
CA GLY A 13 18.32 -9.36 15.08
C GLY A 13 19.02 -10.61 14.58
N ASP A 14 18.66 -11.76 15.13
CA ASP A 14 19.28 -13.03 14.74
C ASP A 14 18.53 -13.74 13.61
N THR A 15 17.63 -13.03 12.95
CA THR A 15 16.86 -13.60 11.84
C THR A 15 17.17 -12.89 10.54
N ASN A 16 16.65 -13.44 9.44
CA ASN A 16 16.81 -12.82 8.15
C ASN A 16 16.15 -11.45 8.03
N LEU A 17 15.31 -11.06 8.99
CA LEU A 17 14.78 -9.71 8.97
C LEU A 17 15.92 -8.68 8.97
N PHE A 18 17.07 -9.07 9.51
CA PHE A 18 18.24 -8.20 9.58
C PHE A 18 19.37 -8.59 8.63
N LYS A 19 19.01 -9.30 7.57
CA LYS A 19 19.95 -9.55 6.47
CA LYS A 19 19.93 -9.57 6.47
C LYS A 19 19.63 -8.63 5.31
N PRO A 20 20.67 -8.07 4.68
CA PRO A 20 20.42 -7.17 3.54
C PRO A 20 19.77 -7.91 2.38
N ILE A 21 19.10 -7.15 1.53
CA ILE A 21 18.46 -7.70 0.33
C ILE A 21 18.35 -6.58 -0.69
N LYS A 22 18.46 -6.91 -1.97
CA LYS A 22 18.28 -5.91 -3.03
C LYS A 22 16.84 -5.96 -3.53
N ILE A 23 16.18 -4.80 -3.57
CA ILE A 23 14.84 -4.68 -4.15
C ILE A 23 14.92 -3.62 -5.24
N GLY A 24 14.66 -4.03 -6.47
CA GLY A 24 14.87 -3.13 -7.59
C GLY A 24 16.30 -2.63 -7.59
N ASN A 25 16.47 -1.32 -7.67
CA ASN A 25 17.81 -0.74 -7.67
C ASN A 25 18.37 -0.56 -6.27
N ASN A 26 17.61 -0.90 -5.23
CA ASN A 26 17.94 -0.48 -3.88
C ASN A 26 18.52 -1.60 -3.00
N GLU A 27 19.68 -1.33 -2.41
CA GLU A 27 20.31 -2.23 -1.46
C GLU A 27 19.75 -1.97 -0.06
N LEU A 28 18.69 -2.69 0.29
CA LEU A 28 18.11 -2.61 1.63
CA LEU A 28 18.14 -2.57 1.64
C LEU A 28 19.07 -3.21 2.65
N LEU A 29 19.11 -2.64 3.85
CA LEU A 29 19.98 -3.16 4.90
C LEU A 29 19.24 -4.08 5.86
N HIS A 30 17.92 -4.14 5.74
CA HIS A 30 17.10 -5.02 6.57
C HIS A 30 15.76 -5.13 5.82
N ARG A 31 14.91 -6.05 6.28
CA ARG A 31 13.72 -6.46 5.53
C ARG A 31 12.41 -6.01 6.17
N ALA A 32 12.47 -5.05 7.08
CA ALA A 32 11.28 -4.41 7.64
C ALA A 32 10.90 -3.23 6.74
N VAL A 33 9.74 -3.33 6.10
CA VAL A 33 9.29 -2.38 5.10
C VAL A 33 8.16 -1.55 5.67
N ILE A 34 8.12 -0.26 5.32
CA ILE A 34 6.95 0.55 5.63
C ILE A 34 5.95 0.38 4.48
N PRO A 35 4.82 -0.28 4.74
CA PRO A 35 3.81 -0.41 3.70
C PRO A 35 3.10 0.92 3.53
N PRO A 36 2.35 1.06 2.43
CA PRO A 36 1.62 2.30 2.17
C PRO A 36 0.58 2.58 3.26
N LEU A 37 0.57 3.79 3.79
CA LEU A 37 -0.34 4.19 4.85
C LEU A 37 -0.91 5.58 4.58
N THR A 38 -2.14 5.64 4.09
CA THR A 38 -2.89 6.88 3.97
C THR A 38 -3.01 7.53 5.34
N ARG A 39 -2.70 8.82 5.41
CA ARG A 39 -2.74 9.56 6.67
C ARG A 39 -3.59 10.83 6.62
N MET A 40 -4.04 11.23 5.43
CA MET A 40 -4.96 12.36 5.30
C MET A 40 -4.42 13.69 5.84
N ARG A 41 -3.12 13.95 5.66
CA ARG A 41 -2.58 15.27 5.95
C ARG A 41 -2.39 16.13 4.69
N ALA A 42 -2.72 15.64 3.51
CA ALA A 42 -2.60 16.47 2.31
C ALA A 42 -3.63 17.58 2.37
N LEU A 43 -3.31 18.73 1.81
CA LEU A 43 -4.18 19.89 1.90
C LEU A 43 -4.98 20.15 0.63
N HIS A 44 -6.19 20.65 0.86
CA HIS A 44 -7.11 21.07 -0.17
C HIS A 44 -7.02 22.59 -0.33
N PRO A 45 -7.11 23.10 -1.57
CA PRO A 45 -7.34 22.38 -2.82
C PRO A 45 -6.05 21.81 -3.40
N GLY A 46 -6.20 20.85 -4.30
CA GLY A 46 -5.11 20.38 -5.10
C GLY A 46 -4.40 19.14 -4.58
N ASN A 47 -4.88 18.54 -3.49
CA ASN A 47 -4.32 17.28 -2.98
C ASN A 47 -2.79 17.40 -2.80
N ILE A 48 -2.37 18.41 -2.04
CA ILE A 48 -0.96 18.75 -1.90
CA ILE A 48 -0.96 18.73 -1.91
C ILE A 48 -0.35 18.08 -0.67
N PRO A 49 0.74 17.30 -0.85
CA PRO A 49 1.38 16.72 0.34
C PRO A 49 1.62 17.80 1.38
N ASN A 50 1.44 17.45 2.65
CA ASN A 50 1.41 18.46 3.69
C ASN A 50 2.70 19.27 3.79
N ARG A 51 2.57 20.58 3.58
CA ARG A 51 3.70 21.47 3.48
C ARG A 51 4.41 21.68 4.80
N ASP A 52 3.74 21.42 5.90
CA ASP A 52 4.30 21.64 7.23
C ASP A 52 4.97 20.41 7.83
N TRP A 53 4.40 19.22 7.60
CA TRP A 53 4.74 18.05 8.41
C TRP A 53 5.20 16.82 7.63
N ALA A 54 4.88 16.71 6.35
CA ALA A 54 5.12 15.44 5.66
C ALA A 54 6.62 15.11 5.57
N VAL A 55 7.46 16.11 5.33
CA VAL A 55 8.89 15.85 5.30
C VAL A 55 9.34 15.26 6.64
N GLU A 56 8.90 15.84 7.74
CA GLU A 56 9.31 15.36 9.06
CA GLU A 56 9.34 15.35 9.04
C GLU A 56 8.81 13.95 9.30
N TYR A 57 7.56 13.68 8.93
CA TYR A 57 6.99 12.34 9.10
C TYR A 57 7.83 11.25 8.45
N TYR A 58 8.17 11.49 7.18
CA TYR A 58 8.96 10.52 6.43
C TYR A 58 10.41 10.48 6.89
N THR A 59 10.98 11.62 7.26
CA THR A 59 12.35 11.67 7.78
C THR A 59 12.45 10.79 9.02
N GLN A 60 11.51 10.97 9.94
CA GLN A 60 11.49 10.18 11.17
C GLN A 60 11.51 8.69 10.83
N ARG A 61 10.66 8.29 9.90
CA ARG A 61 10.47 6.88 9.61
C ARG A 61 11.53 6.29 8.67
N ALA A 62 12.38 7.18 8.13
CA ALA A 62 13.55 6.79 7.33
C ALA A 62 14.80 6.63 8.19
N GLN A 63 14.69 6.84 9.49
CA GLN A 63 15.87 7.01 10.33
C GLN A 63 16.81 5.81 10.37
N ARG A 64 16.28 4.60 10.23
CA ARG A 64 17.16 3.42 10.19
C ARG A 64 17.73 3.34 8.80
N PRO A 65 19.05 3.42 8.65
CA PRO A 65 19.58 3.36 7.28
C PRO A 65 19.13 2.12 6.51
N GLY A 66 18.89 2.30 5.22
CA GLY A 66 18.59 1.20 4.34
C GLY A 66 17.19 0.63 4.47
N THR A 67 16.26 1.47 4.93
CA THR A 67 14.84 1.10 5.03
C THR A 67 14.12 1.37 3.72
N MET A 68 13.30 0.41 3.28
CA MET A 68 12.38 0.62 2.18
C MET A 68 11.07 1.20 2.69
N ILE A 69 10.72 2.38 2.18
CA ILE A 69 9.47 3.05 2.50
C ILE A 69 8.58 3.08 1.26
N ILE A 70 7.35 2.57 1.39
CA ILE A 70 6.33 2.76 0.37
C ILE A 70 5.45 3.90 0.87
N THR A 71 5.26 4.93 0.03
CA THR A 71 4.48 6.09 0.45
C THR A 71 3.01 5.72 0.67
N GLU A 72 2.33 6.56 1.45
CA GLU A 72 0.88 6.65 1.37
C GLU A 72 0.43 6.62 -0.09
N GLY A 73 -0.73 6.05 -0.34
CA GLY A 73 -1.26 6.06 -1.70
C GLY A 73 -1.34 7.47 -2.25
N ALA A 74 -0.97 7.61 -3.52
CA ALA A 74 -1.00 8.90 -4.21
C ALA A 74 -1.83 8.80 -5.47
N PHE A 75 -2.80 9.68 -5.62
CA PHE A 75 -3.70 9.65 -6.77
C PHE A 75 -2.95 10.01 -8.04
N ILE A 76 -3.24 9.28 -9.11
CA ILE A 76 -2.53 9.51 -10.38
C ILE A 76 -3.13 10.67 -11.19
N SER A 77 -4.33 11.11 -10.83
CA SER A 77 -5.03 12.17 -11.55
C SER A 77 -6.21 12.61 -10.70
N PRO A 78 -6.81 13.76 -11.02
CA PRO A 78 -8.03 14.14 -10.30
C PRO A 78 -9.10 13.04 -10.36
N GLN A 79 -9.33 12.48 -11.54
CA GLN A 79 -10.39 11.48 -11.72
C GLN A 79 -10.12 10.22 -10.89
N ALA A 80 -8.86 9.95 -10.59
CA ALA A 80 -8.49 8.77 -9.78
C ALA A 80 -8.73 8.95 -8.29
N GLY A 81 -8.97 10.19 -7.88
CA GLY A 81 -9.06 10.54 -6.47
C GLY A 81 -10.47 10.57 -5.92
N GLY A 82 -10.73 11.52 -5.01
CA GLY A 82 -12.02 11.59 -4.36
C GLY A 82 -11.95 11.73 -2.85
N TYR A 83 -10.73 11.71 -2.29
CA TYR A 83 -10.49 12.08 -0.90
C TYR A 83 -9.68 13.38 -0.92
N ASP A 84 -10.21 14.43 -0.29
CA ASP A 84 -9.59 15.74 -0.40
C ASP A 84 -8.25 15.83 0.31
N ASN A 85 -8.01 14.97 1.30
CA ASN A 85 -6.79 15.07 2.09
C ASN A 85 -5.78 13.96 1.86
N ALA A 86 -5.94 13.23 0.75
CA ALA A 86 -4.91 12.32 0.27
C ALA A 86 -4.18 13.01 -0.89
N PRO A 87 -2.87 12.78 -1.02
CA PRO A 87 -2.10 13.50 -2.03
C PRO A 87 -2.20 12.90 -3.42
N GLY A 88 -1.87 13.72 -4.41
CA GLY A 88 -1.68 13.27 -5.78
C GLY A 88 -0.24 13.39 -6.24
N VAL A 89 0.00 12.84 -7.42
CA VAL A 89 1.28 12.92 -8.12
C VAL A 89 1.11 13.30 -9.59
N TRP A 90 0.16 14.20 -9.87
CA TRP A 90 -0.04 14.67 -11.23
C TRP A 90 0.38 16.12 -11.49
N SER A 91 0.51 16.95 -10.44
CA SER A 91 0.73 18.37 -10.66
C SER A 91 2.11 18.85 -10.19
N GLU A 92 2.53 19.98 -10.75
CA GLU A 92 3.79 20.57 -10.35
CA GLU A 92 3.78 20.61 -10.36
C GLU A 92 3.79 20.91 -8.86
N GLU A 93 2.69 21.46 -8.36
CA GLU A 93 2.60 21.88 -6.97
CA GLU A 93 2.64 21.87 -6.97
C GLU A 93 2.77 20.66 -6.05
N GLN A 94 2.19 19.53 -6.44
CA GLN A 94 2.38 18.29 -5.67
C GLN A 94 3.83 17.84 -5.71
N MET A 95 4.43 17.86 -6.90
CA MET A 95 5.76 17.28 -7.04
C MET A 95 6.82 18.11 -6.32
N VAL A 96 6.60 19.42 -6.19
CA VAL A 96 7.50 20.25 -5.38
C VAL A 96 7.61 19.67 -3.96
N GLU A 97 6.48 19.27 -3.38
CA GLU A 97 6.50 18.73 -2.03
C GLU A 97 7.05 17.31 -1.98
N TRP A 98 6.71 16.49 -2.97
CA TRP A 98 7.23 15.13 -3.01
C TRP A 98 8.76 15.13 -3.14
N THR A 99 9.29 16.04 -3.95
CA THR A 99 10.73 16.12 -4.12
C THR A 99 11.42 16.32 -2.76
N LYS A 100 10.88 17.21 -1.94
CA LYS A 100 11.45 17.45 -0.61
C LYS A 100 11.39 16.18 0.24
N ILE A 101 10.27 15.48 0.18
CA ILE A 101 10.12 14.22 0.92
C ILE A 101 11.13 13.19 0.46
N PHE A 102 11.27 12.99 -0.84
CA PHE A 102 12.20 11.99 -1.35
C PHE A 102 13.64 12.36 -0.98
N ASN A 103 13.99 13.64 -1.11
CA ASN A 103 15.33 14.07 -0.73
C ASN A 103 15.61 13.77 0.73
N ALA A 104 14.63 14.01 1.59
CA ALA A 104 14.82 13.80 3.02
C ALA A 104 15.01 12.33 3.36
N ILE A 105 14.26 11.46 2.69
CA ILE A 105 14.41 10.02 2.91
C ILE A 105 15.79 9.55 2.46
N HIS A 106 16.22 10.04 1.30
CA HIS A 106 17.53 9.70 0.79
C HIS A 106 18.68 10.21 1.65
N GLU A 107 18.51 11.37 2.27
CA GLU A 107 19.54 11.90 3.16
CA GLU A 107 19.54 11.90 3.16
C GLU A 107 19.74 10.97 4.36
N LYS A 108 18.68 10.28 4.76
CA LYS A 108 18.74 9.28 5.84
C LYS A 108 19.21 7.90 5.33
N LYS A 109 19.60 7.83 4.06
N LYS A 109 19.61 7.84 4.06
CA LYS A 109 20.15 6.61 3.45
CA LYS A 109 20.15 6.61 3.47
C LYS A 109 19.09 5.51 3.33
C LYS A 109 19.09 5.51 3.33
N SER A 110 17.84 5.93 3.20
CA SER A 110 16.71 5.02 2.99
C SER A 110 16.12 5.22 1.58
N PHE A 111 15.07 4.49 1.27
CA PHE A 111 14.55 4.41 -0.09
C PHE A 111 13.06 4.65 -0.10
N VAL A 112 12.54 5.09 -1.23
CA VAL A 112 11.13 5.47 -1.31
C VAL A 112 10.48 5.08 -2.63
N TRP A 113 9.36 4.37 -2.49
CA TRP A 113 8.56 3.88 -3.58
C TRP A 113 7.18 4.50 -3.48
N VAL A 114 6.70 5.13 -4.56
CA VAL A 114 5.41 5.80 -4.53
C VAL A 114 4.30 4.81 -4.85
N GLN A 115 3.33 4.65 -3.95
CA GLN A 115 2.17 3.85 -4.30
C GLN A 115 1.22 4.68 -5.16
N LEU A 116 0.84 4.13 -6.31
CA LEU A 116 -0.05 4.78 -7.26
C LEU A 116 -1.45 4.25 -7.11
N THR A 117 -2.38 5.13 -6.74
CA THR A 117 -3.72 4.81 -6.34
CA THR A 117 -3.75 4.76 -6.38
C THR A 117 -4.82 5.37 -7.29
N VAL A 118 -5.79 4.50 -7.56
CA VAL A 118 -7.02 4.87 -8.25
C VAL A 118 -8.16 4.28 -7.44
N LEU A 119 -9.07 5.12 -6.94
CA LEU A 119 -10.05 4.66 -5.94
C LEU A 119 -11.24 3.86 -6.46
N GLY A 120 -11.71 4.13 -7.67
CA GLY A 120 -12.96 3.56 -8.11
C GLY A 120 -14.08 3.82 -7.12
N TRP A 121 -14.81 2.76 -6.79
CA TRP A 121 -16.03 2.94 -6.01
C TRP A 121 -15.78 3.37 -4.55
N ALA A 122 -14.54 3.35 -4.09
CA ALA A 122 -14.24 3.81 -2.75
C ALA A 122 -14.21 5.34 -2.62
N ALA A 123 -14.13 6.04 -3.75
CA ALA A 123 -14.12 7.49 -3.76
C ALA A 123 -15.43 8.06 -3.23
N PHE A 124 -15.42 9.31 -2.78
CA PHE A 124 -16.65 9.99 -2.39
C PHE A 124 -17.31 10.66 -3.61
N PRO A 125 -18.50 10.17 -4.01
CA PRO A 125 -19.12 10.67 -5.25
C PRO A 125 -19.46 12.14 -5.25
N ASP A 126 -19.69 12.70 -4.06
CA ASP A 126 -20.02 14.11 -3.96
C ASP A 126 -18.80 14.99 -4.17
N ASN A 127 -17.64 14.59 -3.65
CA ASN A 127 -16.41 15.32 -3.95
C ASN A 127 -16.15 15.30 -5.44
N LEU A 128 -16.31 14.14 -6.04
CA LEU A 128 -16.09 14.00 -7.47
C LEU A 128 -17.05 14.90 -8.25
N ALA A 129 -18.32 14.88 -7.90
CA ALA A 129 -19.31 15.71 -8.59
C ALA A 129 -18.97 17.19 -8.46
N ARG A 130 -18.58 17.61 -7.26
CA ARG A 130 -18.18 19.00 -7.04
C ARG A 130 -17.11 19.42 -8.03
N ASP A 131 -16.19 18.50 -8.34
CA ASP A 131 -15.07 18.78 -9.21
C ASP A 131 -15.31 18.43 -10.67
N GLY A 132 -16.54 18.06 -11.02
CA GLY A 132 -16.89 17.74 -12.39
C GLY A 132 -16.37 16.40 -12.86
N LEU A 133 -16.17 15.46 -11.94
CA LEU A 133 -15.57 14.15 -12.24
C LEU A 133 -16.59 13.02 -12.10
N ARG A 134 -16.34 11.92 -12.80
CA ARG A 134 -17.19 10.74 -12.74
C ARG A 134 -16.98 9.99 -11.41
N TYR A 135 -17.93 9.12 -11.09
CA TYR A 135 -17.78 8.13 -10.02
C TYR A 135 -17.67 6.78 -10.73
N ASP A 136 -16.45 6.22 -10.72
CA ASP A 136 -16.09 5.10 -11.57
C ASP A 136 -16.00 3.77 -10.86
N SER A 137 -16.31 2.71 -11.59
CA SER A 137 -15.95 1.36 -11.18
C SER A 137 -15.93 0.45 -12.39
N ALA A 138 -15.74 -0.84 -12.13
CA ALA A 138 -15.80 -1.83 -13.18
C ALA A 138 -17.20 -1.94 -13.78
N SER A 139 -18.20 -1.90 -12.91
CA SER A 139 -19.58 -2.17 -13.29
C SER A 139 -20.46 -1.01 -12.87
N ASP A 140 -21.73 -1.07 -13.26
CA ASP A 140 -22.67 -0.02 -12.86
C ASP A 140 -23.88 -0.56 -12.11
N ASN A 141 -23.83 -1.84 -11.79
CA ASN A 141 -24.99 -2.51 -11.19
C ASN A 141 -24.68 -3.24 -9.89
N VAL A 142 -23.51 -2.98 -9.33
CA VAL A 142 -23.15 -3.48 -8.02
CA VAL A 142 -23.08 -3.50 -8.04
C VAL A 142 -22.37 -2.35 -7.35
N PHE A 143 -22.61 -2.15 -6.06
CA PHE A 143 -22.11 -0.98 -5.35
C PHE A 143 -21.37 -1.35 -4.09
N MET A 144 -20.48 -0.47 -3.66
CA MET A 144 -19.65 -0.75 -2.48
C MET A 144 -20.54 -0.95 -1.25
N ASP A 145 -21.48 -0.04 -1.05
CA ASP A 145 -22.47 -0.18 0.00
C ASP A 145 -23.60 0.77 -0.31
N ALA A 146 -24.65 0.70 0.49
CA ALA A 146 -25.87 1.46 0.23
C ALA A 146 -25.63 2.96 0.35
N GLU A 147 -24.76 3.33 1.27
CA GLU A 147 -24.48 4.74 1.51
C GLU A 147 -23.79 5.37 0.31
N GLN A 148 -22.81 4.67 -0.24
CA GLN A 148 -22.10 5.16 -1.40
C GLN A 148 -23.03 5.28 -2.60
N GLU A 149 -23.88 4.27 -2.81
CA GLU A 149 -24.82 4.29 -3.93
C GLU A 149 -25.73 5.50 -3.82
N ALA A 150 -26.23 5.74 -2.62
CA ALA A 150 -27.16 6.83 -2.37
C ALA A 150 -26.49 8.19 -2.51
N LYS A 151 -25.25 8.30 -2.03
CA LYS A 151 -24.49 9.54 -2.18
C LYS A 151 -24.30 9.89 -3.64
N ALA A 152 -24.00 8.87 -4.45
CA ALA A 152 -23.79 9.07 -5.87
C ALA A 152 -25.08 9.57 -6.54
N LYS A 153 -26.20 8.98 -6.19
CA LYS A 153 -27.44 9.41 -6.80
C LYS A 153 -27.81 10.83 -6.38
N LYS A 154 -27.63 11.15 -5.11
CA LYS A 154 -27.94 12.47 -4.62
C LYS A 154 -27.07 13.53 -5.30
N ALA A 155 -25.84 13.16 -5.62
CA ALA A 155 -24.90 14.06 -6.28
C ALA A 155 -25.11 14.11 -7.80
N ASN A 156 -26.13 13.42 -8.31
CA ASN A 156 -26.35 13.32 -9.77
C ASN A 156 -25.08 12.79 -10.43
N ASN A 157 -24.48 11.81 -9.79
CA ASN A 157 -23.23 11.22 -10.26
C ASN A 157 -23.25 9.71 -10.08
N PRO A 158 -24.22 9.03 -10.68
CA PRO A 158 -24.35 7.59 -10.46
C PRO A 158 -23.11 6.82 -10.91
N GLN A 159 -22.82 5.74 -10.21
CA GLN A 159 -21.66 4.92 -10.53
C GLN A 159 -21.66 4.54 -12.01
N HIS A 160 -20.50 4.69 -12.62
CA HIS A 160 -20.30 4.58 -14.04
C HIS A 160 -19.34 3.40 -14.31
N SER A 161 -19.75 2.50 -15.19
CA SER A 161 -18.89 1.42 -15.68
C SER A 161 -17.96 1.96 -16.75
N LEU A 162 -16.66 1.83 -16.54
CA LEU A 162 -15.69 2.41 -17.47
C LEU A 162 -15.80 1.85 -18.86
N THR A 163 -15.65 2.73 -19.86
CA THR A 163 -15.48 2.27 -21.23
C THR A 163 -14.02 1.87 -21.44
N LYS A 164 -13.75 1.14 -22.51
CA LYS A 164 -12.38 0.78 -22.86
C LYS A 164 -11.50 2.03 -23.03
N ASP A 165 -12.03 3.08 -23.64
CA ASP A 165 -11.30 4.33 -23.79
CA ASP A 165 -11.27 4.31 -23.79
C ASP A 165 -10.94 4.94 -22.45
N GLU A 166 -11.84 4.87 -21.49
CA GLU A 166 -11.60 5.44 -20.17
C GLU A 166 -10.57 4.62 -19.40
N ILE A 167 -10.57 3.31 -19.61
CA ILE A 167 -9.51 2.46 -19.06
C ILE A 167 -8.16 2.89 -19.65
N LYS A 168 -8.12 3.09 -20.97
CA LYS A 168 -6.91 3.56 -21.62
C LYS A 168 -6.42 4.89 -21.04
N GLN A 169 -7.35 5.78 -20.74
CA GLN A 169 -7.00 7.08 -20.17
C GLN A 169 -6.39 6.92 -18.79
N TYR A 170 -6.94 6.03 -17.96
CA TYR A 170 -6.33 5.75 -16.68
C TYR A 170 -4.92 5.22 -16.87
N ILE A 171 -4.73 4.31 -17.84
CA ILE A 171 -3.39 3.77 -18.07
C ILE A 171 -2.42 4.89 -18.45
N LYS A 172 -2.84 5.84 -19.29
CA LYS A 172 -2.00 6.99 -19.61
C LYS A 172 -1.62 7.75 -18.34
N GLU A 173 -2.57 7.91 -17.45
CA GLU A 173 -2.32 8.62 -16.20
C GLU A 173 -1.40 7.84 -15.27
N TYR A 174 -1.51 6.51 -15.25
CA TYR A 174 -0.57 5.74 -14.46
C TYR A 174 0.84 5.97 -14.98
N VAL A 175 1.00 5.92 -16.29
CA VAL A 175 2.29 6.11 -16.91
C VAL A 175 2.87 7.47 -16.55
N GLN A 176 2.07 8.52 -16.70
CA GLN A 176 2.58 9.84 -16.40
C GLN A 176 2.90 10.01 -14.91
N ALA A 177 2.08 9.42 -14.04
CA ALA A 177 2.30 9.50 -12.60
C ALA A 177 3.60 8.79 -12.22
N ALA A 178 3.85 7.64 -12.84
CA ALA A 178 5.09 6.90 -12.62
C ALA A 178 6.28 7.73 -13.10
N LYS A 179 6.19 8.32 -14.29
CA LYS A 179 7.25 9.20 -14.77
C LYS A 179 7.49 10.37 -13.81
N ASN A 180 6.42 10.99 -13.33
CA ASN A 180 6.56 12.12 -12.42
C ASN A 180 7.29 11.69 -11.15
N SER A 181 6.92 10.52 -10.64
CA SER A 181 7.50 10.03 -9.40
C SER A 181 9.00 9.83 -9.56
N ILE A 182 9.40 9.14 -10.63
CA ILE A 182 10.82 8.92 -10.88
C ILE A 182 11.56 10.24 -11.09
N ALA A 183 11.01 11.16 -11.88
CA ALA A 183 11.69 12.41 -12.18
C ALA A 183 11.92 13.23 -10.91
N ALA A 184 11.01 13.09 -9.95
CA ALA A 184 11.11 13.84 -8.69
C ALA A 184 12.06 13.17 -7.70
N GLY A 185 12.56 11.99 -8.04
CA GLY A 185 13.57 11.31 -7.24
C GLY A 185 13.16 9.99 -6.60
N ALA A 186 11.96 9.51 -6.81
CA ALA A 186 11.57 8.24 -6.20
C ALA A 186 12.39 7.09 -6.76
N ASP A 187 12.56 6.05 -5.95
CA ASP A 187 13.26 4.85 -6.35
C ASP A 187 12.44 3.90 -7.21
N GLY A 188 11.13 4.02 -7.14
CA GLY A 188 10.23 3.16 -7.87
C GLY A 188 8.81 3.49 -7.51
N VAL A 189 7.90 2.68 -8.04
CA VAL A 189 6.46 2.83 -7.76
C VAL A 189 5.88 1.46 -7.43
N GLU A 190 4.80 1.49 -6.64
CA GLU A 190 3.98 0.32 -6.38
C GLU A 190 2.60 0.53 -6.99
N ILE A 191 2.19 -0.38 -7.86
CA ILE A 191 0.83 -0.35 -8.42
C ILE A 191 -0.12 -0.90 -7.34
N HIS A 192 -1.04 -0.07 -6.90
CA HIS A 192 -2.04 -0.51 -5.91
C HIS A 192 -3.12 -1.29 -6.62
N SER A 193 -3.13 -2.61 -6.44
CA SER A 193 -4.18 -3.46 -6.98
C SER A 193 -4.90 -4.22 -5.86
N ALA A 194 -4.91 -3.62 -4.67
CA ALA A 194 -5.42 -4.24 -3.45
C ALA A 194 -6.49 -3.32 -2.81
N ASN A 195 -7.02 -3.90 -1.73
N ASN A 195 -6.74 -3.39 -1.50
CA ASN A 195 -7.86 -3.26 -0.72
CA ASN A 195 -7.65 -2.40 -0.83
C ASN A 195 -9.10 -2.62 -1.28
C ASN A 195 -9.12 -2.38 -1.38
N GLY A 196 -9.57 -3.21 -2.34
CA GLY A 196 -10.85 -2.91 -2.92
C GLY A 196 -10.92 -1.61 -3.70
N TYR A 197 -9.77 -1.09 -4.13
CA TYR A 197 -9.73 0.08 -5.00
C TYR A 197 -9.93 -0.36 -6.46
N LEU A 198 -9.78 0.53 -7.43
CA LEU A 198 -10.31 0.26 -8.76
C LEU A 198 -9.76 -1.00 -9.40
N LEU A 199 -8.45 -1.19 -9.38
CA LEU A 199 -7.92 -2.39 -10.02
C LEU A 199 -8.44 -3.66 -9.35
N ASN A 200 -8.54 -3.64 -8.02
CA ASN A 200 -9.11 -4.76 -7.29
C ASN A 200 -10.60 -4.95 -7.64
N GLN A 201 -11.32 -3.85 -7.88
CA GLN A 201 -12.71 -3.95 -8.32
C GLN A 201 -12.83 -4.70 -9.66
N PHE A 202 -11.83 -4.56 -10.53
CA PHE A 202 -11.79 -5.36 -11.76
C PHE A 202 -11.40 -6.81 -11.50
N LEU A 203 -10.45 -7.05 -10.60
CA LEU A 203 -10.03 -8.42 -10.31
C LEU A 203 -11.15 -9.30 -9.73
N ASP A 204 -12.03 -8.68 -8.96
CA ASP A 204 -12.95 -9.42 -8.11
C ASP A 204 -14.29 -9.67 -8.81
N PRO A 205 -14.76 -10.92 -8.86
CA PRO A 205 -16.01 -11.18 -9.59
C PRO A 205 -17.27 -10.61 -8.91
N HIS A 206 -17.21 -10.22 -7.64
CA HIS A 206 -18.35 -9.56 -7.04
C HIS A 206 -18.57 -8.17 -7.65
N SER A 207 -17.48 -7.41 -7.75
CA SER A 207 -17.54 -6.04 -8.23
C SER A 207 -17.46 -5.93 -9.76
N ASN A 208 -17.00 -6.99 -10.41
CA ASN A 208 -16.84 -6.96 -11.86
C ASN A 208 -17.81 -7.93 -12.50
N THR A 209 -18.91 -7.38 -13.01
CA THR A 209 -19.95 -8.11 -13.71
C THR A 209 -19.90 -7.81 -15.20
N ARG A 210 -18.78 -7.29 -15.69
CA ARG A 210 -18.65 -6.94 -17.10
C ARG A 210 -18.69 -8.17 -17.99
N THR A 211 -19.13 -7.95 -19.23
CA THR A 211 -19.21 -9.00 -20.25
C THR A 211 -18.33 -8.70 -21.46
N ASP A 212 -17.51 -7.67 -21.37
CA ASP A 212 -16.51 -7.37 -22.40
C ASP A 212 -15.18 -8.03 -22.03
N GLU A 213 -14.12 -7.66 -22.71
CA GLU A 213 -12.83 -8.30 -22.48
C GLU A 213 -12.20 -8.00 -21.12
N TYR A 214 -12.81 -7.09 -20.36
CA TYR A 214 -12.32 -6.79 -19.02
C TYR A 214 -13.11 -7.45 -17.89
N GLY A 215 -14.03 -8.36 -18.20
CA GLY A 215 -14.65 -9.15 -17.16
C GLY A 215 -15.15 -10.49 -17.66
N GLY A 216 -15.66 -11.30 -16.73
CA GLY A 216 -16.34 -12.53 -17.09
C GLY A 216 -15.48 -13.77 -17.14
N SER A 217 -14.20 -13.64 -16.82
CA SER A 217 -13.30 -14.77 -16.72
C SER A 217 -12.10 -14.31 -15.92
N ILE A 218 -11.30 -15.26 -15.46
CA ILE A 218 -10.08 -14.95 -14.73
C ILE A 218 -9.14 -14.05 -15.55
N GLU A 219 -8.89 -14.40 -16.80
CA GLU A 219 -7.97 -13.66 -17.66
CA GLU A 219 -7.94 -13.62 -17.57
C GLU A 219 -8.50 -12.25 -17.90
N ASN A 220 -9.82 -12.15 -18.13
CA ASN A 220 -10.41 -10.85 -18.40
C ASN A 220 -10.40 -9.94 -17.18
N ARG A 221 -10.68 -10.49 -16.01
CA ARG A 221 -10.68 -9.68 -14.79
C ARG A 221 -9.28 -9.18 -14.43
N ALA A 222 -8.26 -9.92 -14.82
CA ALA A 222 -6.87 -9.51 -14.58
C ALA A 222 -6.32 -8.56 -15.62
N ARG A 223 -7.05 -8.35 -16.71
CA ARG A 223 -6.51 -7.63 -17.86
C ARG A 223 -6.06 -6.21 -17.52
N PHE A 224 -6.89 -5.44 -16.82
CA PHE A 224 -6.55 -4.05 -16.50
C PHE A 224 -5.29 -4.00 -15.63
N THR A 225 -5.25 -4.79 -14.56
CA THR A 225 -4.05 -4.81 -13.70
C THR A 225 -2.79 -5.11 -14.52
N LEU A 226 -2.85 -6.13 -15.38
CA LEU A 226 -1.69 -6.48 -16.17
C LEU A 226 -1.34 -5.44 -17.23
N GLU A 227 -2.33 -4.76 -17.77
CA GLU A 227 -2.05 -3.66 -18.70
C GLU A 227 -1.32 -2.53 -18.00
N VAL A 228 -1.68 -2.26 -16.74
CA VAL A 228 -0.96 -1.23 -15.99
C VAL A 228 0.47 -1.67 -15.71
N VAL A 229 0.63 -2.92 -15.26
CA VAL A 229 1.97 -3.47 -15.08
C VAL A 229 2.80 -3.29 -16.34
N ASP A 230 2.25 -3.70 -17.48
CA ASP A 230 3.05 -3.67 -18.70
C ASP A 230 3.38 -2.23 -19.12
N ALA A 231 2.43 -1.33 -18.96
CA ALA A 231 2.66 0.06 -19.35
C ALA A 231 3.74 0.69 -18.49
N LEU A 232 3.75 0.38 -17.19
CA LEU A 232 4.77 0.96 -16.31
C LEU A 232 6.14 0.32 -16.51
N VAL A 233 6.17 -0.99 -16.73
CA VAL A 233 7.42 -1.65 -17.04
C VAL A 233 8.03 -1.01 -18.29
N GLU A 234 7.22 -0.77 -19.31
CA GLU A 234 7.73 -0.14 -20.53
CA GLU A 234 7.71 -0.14 -20.54
C GLU A 234 8.22 1.28 -20.28
N ALA A 235 7.50 2.03 -19.45
CA ALA A 235 7.81 3.44 -19.26
C ALA A 235 9.04 3.69 -18.39
N ILE A 236 9.15 2.95 -17.28
CA ILE A 236 10.20 3.22 -16.29
C ILE A 236 11.06 2.02 -15.92
N GLY A 237 10.73 0.83 -16.44
CA GLY A 237 11.53 -0.35 -16.20
C GLY A 237 10.96 -1.25 -15.12
N HIS A 238 11.06 -2.56 -15.33
CA HIS A 238 10.56 -3.52 -14.35
C HIS A 238 11.24 -3.39 -12.97
N GLU A 239 12.50 -2.97 -12.96
CA GLU A 239 13.22 -2.83 -11.71
CA GLU A 239 13.23 -2.82 -11.70
C GLU A 239 12.71 -1.67 -10.86
N LYS A 240 11.84 -0.84 -11.42
CA LYS A 240 11.25 0.27 -10.67
CA LYS A 240 11.24 0.29 -10.70
C LYS A 240 9.75 0.10 -10.43
N VAL A 241 9.25 -1.13 -10.59
CA VAL A 241 7.81 -1.38 -10.46
C VAL A 241 7.53 -2.58 -9.56
N GLY A 242 6.65 -2.40 -8.59
CA GLY A 242 6.07 -3.51 -7.84
C GLY A 242 4.56 -3.50 -7.92
N LEU A 243 3.93 -4.55 -7.40
CA LEU A 243 2.48 -4.71 -7.46
C LEU A 243 1.97 -5.18 -6.10
N ARG A 244 0.90 -4.55 -5.61
CA ARG A 244 0.27 -4.93 -4.36
C ARG A 244 -1.07 -5.59 -4.59
N LEU A 245 -1.27 -6.71 -3.89
CA LEU A 245 -2.46 -7.54 -3.98
C LEU A 245 -2.91 -7.97 -2.60
N SER A 246 -4.21 -8.19 -2.43
CA SER A 246 -4.79 -8.66 -1.17
CA SER A 246 -4.78 -8.68 -1.17
C SER A 246 -5.79 -9.78 -1.46
N PRO A 247 -5.30 -11.00 -1.71
CA PRO A 247 -6.18 -12.06 -2.19
C PRO A 247 -7.39 -12.32 -1.30
N TYR A 248 -7.19 -12.25 0.01
CA TYR A 248 -8.25 -12.62 0.95
C TYR A 248 -8.93 -11.39 1.55
N GLY A 249 -8.63 -10.20 1.06
CA GLY A 249 -9.21 -9.00 1.61
C GLY A 249 -10.72 -8.92 1.40
N VAL A 250 -11.41 -8.33 2.38
CA VAL A 250 -12.82 -8.00 2.23
C VAL A 250 -13.09 -6.51 2.35
N PHE A 251 -12.09 -5.74 2.76
CA PHE A 251 -12.19 -4.29 2.83
C PHE A 251 -12.69 -3.72 1.50
N ASN A 252 -13.60 -2.75 1.60
CA ASN A 252 -14.20 -2.10 0.43
C ASN A 252 -14.99 -3.07 -0.45
N SER A 253 -15.57 -4.07 0.23
CA SER A 253 -16.54 -4.99 -0.34
C SER A 253 -15.99 -5.95 -1.39
N MET A 254 -14.73 -6.35 -1.19
CA MET A 254 -14.15 -7.41 -1.99
C MET A 254 -14.59 -8.78 -1.42
N SER A 255 -14.41 -9.84 -2.21
CA SER A 255 -15.01 -11.11 -1.88
C SER A 255 -14.29 -11.89 -0.78
N GLY A 256 -12.97 -11.91 -0.82
CA GLY A 256 -12.20 -12.77 0.06
C GLY A 256 -12.46 -14.24 -0.21
N GLY A 257 -12.16 -15.04 0.80
CA GLY A 257 -12.19 -16.49 0.68
C GLY A 257 -13.56 -17.08 0.42
N ALA A 258 -14.62 -16.33 0.71
CA ALA A 258 -15.98 -16.79 0.39
C ALA A 258 -16.14 -17.06 -1.10
N GLU A 259 -15.33 -16.41 -1.93
CA GLU A 259 -15.32 -16.66 -3.37
C GLU A 259 -14.36 -17.82 -3.62
N THR A 260 -14.92 -18.96 -4.04
CA THR A 260 -14.12 -20.16 -4.22
C THR A 260 -13.09 -20.02 -5.34
N GLY A 261 -13.33 -19.09 -6.25
CA GLY A 261 -12.39 -18.84 -7.34
C GLY A 261 -11.33 -17.81 -7.01
N ILE A 262 -11.24 -17.37 -5.76
CA ILE A 262 -10.37 -16.24 -5.47
C ILE A 262 -8.89 -16.63 -5.57
N VAL A 263 -8.53 -17.81 -5.09
CA VAL A 263 -7.14 -18.21 -5.19
C VAL A 263 -6.74 -18.34 -6.66
N ALA A 264 -7.58 -18.95 -7.50
CA ALA A 264 -7.26 -19.06 -8.92
C ALA A 264 -7.06 -17.69 -9.56
N GLN A 265 -7.89 -16.70 -9.19
CA GLN A 265 -7.77 -15.36 -9.76
C GLN A 265 -6.39 -14.77 -9.48
N TYR A 266 -5.93 -14.90 -8.24
CA TYR A 266 -4.66 -14.32 -7.85
C TYR A 266 -3.48 -15.19 -8.31
N ALA A 267 -3.67 -16.51 -8.36
CA ALA A 267 -2.67 -17.40 -8.91
C ALA A 267 -2.40 -17.09 -10.38
N TYR A 268 -3.45 -16.70 -11.11
CA TYR A 268 -3.30 -16.32 -12.51
C TYR A 268 -2.42 -15.08 -12.64
N VAL A 269 -2.68 -14.07 -11.81
CA VAL A 269 -1.89 -12.85 -11.85
C VAL A 269 -0.42 -13.17 -11.53
N ALA A 270 -0.19 -13.93 -10.46
CA ALA A 270 1.18 -14.31 -10.10
C ALA A 270 1.87 -15.03 -11.25
N GLY A 271 1.15 -15.93 -11.93
CA GLY A 271 1.72 -16.69 -13.02
C GLY A 271 2.11 -15.78 -14.18
N GLU A 272 1.25 -14.81 -14.48
CA GLU A 272 1.55 -13.88 -15.56
C GLU A 272 2.75 -13.00 -15.23
N LEU A 273 2.91 -12.68 -13.95
CA LEU A 273 4.08 -11.95 -13.47
C LEU A 273 5.33 -12.78 -13.67
N GLU A 274 5.26 -14.06 -13.32
CA GLU A 274 6.41 -14.95 -13.47
C GLU A 274 6.75 -15.20 -14.94
N LYS A 275 5.74 -15.29 -15.78
CA LYS A 275 5.96 -15.43 -17.21
CA LYS A 275 5.97 -15.43 -17.22
C LYS A 275 6.78 -14.25 -17.75
N ARG A 276 6.38 -13.04 -17.37
CA ARG A 276 7.11 -11.84 -17.76
C ARG A 276 8.53 -11.87 -17.23
N ALA A 277 8.69 -12.32 -15.98
CA ALA A 277 10.00 -12.40 -15.35
C ALA A 277 10.91 -13.35 -16.10
N LYS A 278 10.38 -14.52 -16.45
CA LYS A 278 11.16 -15.51 -17.19
C LYS A 278 11.52 -14.99 -18.59
N ALA A 279 10.74 -14.05 -19.11
CA ALA A 279 11.01 -13.44 -20.41
C ALA A 279 11.87 -12.19 -20.28
N GLY A 280 12.38 -11.92 -19.08
CA GLY A 280 13.38 -10.89 -18.90
C GLY A 280 12.93 -9.61 -18.20
N LYS A 281 11.69 -9.56 -17.75
CA LYS A 281 11.13 -8.35 -17.15
C LYS A 281 10.48 -8.69 -15.82
N ARG A 282 11.33 -8.98 -14.83
CA ARG A 282 10.85 -9.34 -13.49
C ARG A 282 10.55 -8.09 -12.66
N LEU A 283 9.33 -7.98 -12.15
CA LEU A 283 9.01 -6.88 -11.25
C LEU A 283 9.92 -6.89 -10.03
N ALA A 284 10.13 -5.72 -9.46
CA ALA A 284 10.97 -5.61 -8.28
C ALA A 284 10.45 -6.43 -7.11
N PHE A 285 9.13 -6.50 -6.95
CA PHE A 285 8.52 -7.25 -5.86
C PHE A 285 7.04 -7.43 -6.09
N VAL A 286 6.48 -8.42 -5.39
CA VAL A 286 5.04 -8.55 -5.18
C VAL A 286 4.80 -8.31 -3.70
N HIS A 287 3.82 -7.46 -3.39
CA HIS A 287 3.49 -7.10 -2.01
C HIS A 287 2.10 -7.68 -1.74
N LEU A 288 2.02 -8.55 -0.73
CA LEU A 288 0.78 -9.22 -0.37
C LEU A 288 0.29 -8.77 1.00
N VAL A 289 -0.99 -8.43 1.06
CA VAL A 289 -1.67 -8.30 2.35
C VAL A 289 -2.09 -9.70 2.77
N GLU A 290 -1.78 -10.06 4.01
CA GLU A 290 -2.06 -11.40 4.51
C GLU A 290 -3.51 -11.57 4.94
N PRO A 291 -4.01 -12.81 4.92
CA PRO A 291 -5.36 -13.09 5.47
C PRO A 291 -5.44 -12.83 6.98
N ARG A 292 -4.29 -12.60 7.61
CA ARG A 292 -4.20 -12.13 8.98
C ARG A 292 -4.98 -10.83 9.20
N VAL A 293 -5.12 -10.02 8.15
CA VAL A 293 -5.80 -8.74 8.22
C VAL A 293 -6.64 -8.60 6.95
N THR A 294 -7.92 -8.96 7.04
CA THR A 294 -8.81 -8.82 5.88
C THR A 294 -9.41 -7.41 5.78
N ASN A 295 -9.27 -6.63 6.85
CA ASN A 295 -9.76 -5.27 6.92
C ASN A 295 -8.87 -4.52 7.91
N PRO A 296 -8.08 -3.54 7.43
CA PRO A 296 -7.06 -2.94 8.28
C PRO A 296 -7.62 -1.92 9.26
N PHE A 297 -8.92 -1.69 9.23
CA PHE A 297 -9.53 -0.84 10.24
CA PHE A 297 -9.55 -0.82 10.23
C PHE A 297 -10.15 -1.59 11.40
N LEU A 298 -9.93 -2.91 11.41
CA LEU A 298 -10.28 -3.73 12.57
C LEU A 298 -9.02 -3.96 13.40
N THR A 299 -9.17 -3.94 14.72
CA THR A 299 -8.07 -4.18 15.63
C THR A 299 -7.35 -5.49 15.32
N GLU A 300 -6.04 -5.50 15.54
CA GLU A 300 -5.23 -6.69 15.35
C GLU A 300 -5.88 -7.90 16.01
N GLY A 301 -6.02 -8.97 15.23
CA GLY A 301 -6.64 -10.21 15.69
C GLY A 301 -8.07 -10.37 15.21
N GLU A 302 -8.71 -9.25 14.88
CA GLU A 302 -10.07 -9.26 14.32
C GLU A 302 -10.03 -9.37 12.82
N GLY A 303 -11.07 -9.91 12.22
CA GLY A 303 -11.11 -10.05 10.77
C GLY A 303 -10.00 -10.93 10.22
N GLU A 304 -9.52 -11.88 11.01
CA GLU A 304 -8.51 -12.82 10.52
CA GLU A 304 -8.54 -12.87 10.56
C GLU A 304 -9.23 -13.96 9.78
N TYR A 305 -8.82 -14.23 8.56
CA TYR A 305 -9.36 -15.35 7.81
C TYR A 305 -8.42 -16.53 7.95
N GLU A 306 -8.92 -17.62 8.52
CA GLU A 306 -8.09 -18.78 8.79
CA GLU A 306 -8.11 -18.79 8.80
C GLU A 306 -8.18 -19.84 7.68
N GLY A 307 -9.06 -19.61 6.71
CA GLY A 307 -9.32 -20.62 5.68
C GLY A 307 -8.41 -20.56 4.47
N GLY A 308 -7.42 -19.67 4.48
CA GLY A 308 -6.54 -19.54 3.34
C GLY A 308 -5.18 -19.03 3.73
N SER A 309 -4.21 -19.31 2.88
CA SER A 309 -2.86 -18.85 3.03
C SER A 309 -2.41 -18.19 1.72
N ASN A 310 -1.48 -17.24 1.82
CA ASN A 310 -0.83 -16.68 0.65
C ASN A 310 0.35 -17.51 0.18
N ASP A 311 0.62 -18.64 0.83
CA ASP A 311 1.81 -19.40 0.47
C ASP A 311 1.80 -19.83 -0.99
N PHE A 312 0.63 -20.03 -1.58
CA PHE A 312 0.53 -20.44 -2.98
C PHE A 312 1.32 -19.52 -3.90
N VAL A 313 1.40 -18.24 -3.56
CA VAL A 313 2.07 -17.30 -4.44
C VAL A 313 3.54 -17.71 -4.63
N TYR A 314 4.16 -18.27 -3.61
CA TYR A 314 5.57 -18.64 -3.66
C TYR A 314 5.84 -19.84 -4.58
N SER A 315 4.82 -20.67 -4.83
CA SER A 315 4.95 -21.76 -5.81
C SER A 315 4.96 -21.21 -7.24
N ILE A 316 4.57 -19.95 -7.42
CA ILE A 316 4.34 -19.40 -8.74
C ILE A 316 5.34 -18.28 -9.06
N TRP A 317 5.27 -17.21 -8.29
CA TRP A 317 6.17 -16.08 -8.40
C TRP A 317 7.44 -16.38 -7.63
N LYS A 318 8.57 -16.17 -8.30
CA LYS A 318 9.88 -16.56 -7.77
C LYS A 318 10.75 -15.37 -7.36
N GLY A 319 10.17 -14.17 -7.31
CA GLY A 319 10.91 -13.00 -6.88
C GLY A 319 10.63 -12.59 -5.44
N PRO A 320 11.06 -11.39 -5.04
CA PRO A 320 10.82 -10.94 -3.68
C PRO A 320 9.33 -10.82 -3.38
N VAL A 321 8.97 -11.13 -2.14
CA VAL A 321 7.60 -11.01 -1.66
C VAL A 321 7.61 -10.26 -0.35
N ILE A 322 6.88 -9.14 -0.30
CA ILE A 322 6.65 -8.42 0.94
C ILE A 322 5.30 -8.87 1.47
N ARG A 323 5.24 -9.28 2.74
CA ARG A 323 4.04 -9.71 3.43
CA ARG A 323 3.97 -9.62 3.34
C ARG A 323 3.67 -8.63 4.45
N ALA A 324 2.40 -8.25 4.58
CA ALA A 324 1.95 -7.32 5.61
C ALA A 324 0.70 -7.84 6.28
N GLY A 325 0.59 -7.60 7.58
CA GLY A 325 -0.66 -7.81 8.30
C GLY A 325 -0.44 -8.44 9.67
N ASN A 326 -0.56 -7.59 10.70
CA ASN A 326 -0.46 -8.03 12.09
C ASN A 326 0.82 -8.75 12.43
N PHE A 327 1.94 -8.23 11.96
CA PHE A 327 3.23 -8.84 12.27
C PHE A 327 3.95 -8.21 13.46
N ALA A 328 3.66 -6.95 13.78
CA ALA A 328 4.37 -6.28 14.87
C ALA A 328 4.17 -6.96 16.21
N LEU A 329 2.92 -7.38 16.46
CA LEU A 329 2.58 -8.02 17.71
C LEU A 329 2.89 -9.51 17.70
N HIS A 330 3.47 -10.00 16.61
CA HIS A 330 3.70 -11.44 16.43
C HIS A 330 5.09 -11.75 15.88
N PRO A 331 6.12 -11.39 16.65
CA PRO A 331 7.49 -11.70 16.24
C PRO A 331 7.70 -13.20 16.05
N GLU A 332 6.95 -14.04 16.77
CA GLU A 332 7.08 -15.48 16.63
C GLU A 332 6.66 -15.93 15.22
N VAL A 333 5.71 -15.23 14.62
CA VAL A 333 5.28 -15.55 13.26
C VAL A 333 6.33 -15.03 12.27
N VAL A 334 6.79 -13.80 12.48
CA VAL A 334 7.83 -13.24 11.62
C VAL A 334 9.07 -14.13 11.60
N ARG A 335 9.49 -14.61 12.77
CA ARG A 335 10.66 -15.46 12.86
C ARG A 335 10.55 -16.66 11.92
N GLU A 336 9.37 -17.23 11.82
CA GLU A 336 9.17 -18.36 10.90
C GLU A 336 9.11 -17.90 9.45
N GLU A 337 8.39 -16.81 9.16
CA GLU A 337 8.19 -16.37 7.79
CA GLU A 337 8.21 -16.42 7.78
C GLU A 337 9.51 -15.98 7.12
N VAL A 338 10.38 -15.30 7.86
CA VAL A 338 11.60 -14.80 7.24
C VAL A 338 12.66 -15.88 7.05
N LYS A 339 12.41 -17.10 7.50
CA LYS A 339 13.29 -18.19 7.13
C LYS A 339 13.33 -18.36 5.62
N ASP A 340 12.27 -17.95 4.93
CA ASP A 340 12.31 -17.88 3.49
C ASP A 340 13.14 -16.65 3.10
N LYS A 341 14.15 -16.88 2.26
CA LYS A 341 15.17 -15.88 2.00
C LYS A 341 14.75 -14.77 1.04
N ARG A 342 13.54 -14.82 0.49
CA ARG A 342 13.05 -13.73 -0.36
C ARG A 342 11.81 -13.06 0.20
N THR A 343 11.59 -13.22 1.50
CA THR A 343 10.45 -12.64 2.20
C THR A 343 10.84 -11.39 3.02
N LEU A 344 10.08 -10.33 2.81
CA LEU A 344 10.20 -9.11 3.58
C LEU A 344 8.89 -8.93 4.33
N ILE A 345 8.91 -8.12 5.39
CA ILE A 345 7.75 -7.96 6.27
C ILE A 345 7.39 -6.48 6.32
N GLY A 346 6.16 -6.17 5.93
CA GLY A 346 5.62 -4.84 6.07
C GLY A 346 4.96 -4.66 7.40
N TYR A 347 5.29 -3.56 8.08
CA TYR A 347 4.72 -3.19 9.37
C TYR A 347 4.02 -1.85 9.23
N GLY A 348 2.69 -1.87 9.27
CA GLY A 348 1.89 -0.68 9.01
C GLY A 348 1.58 0.13 10.26
N ARG A 349 0.54 -0.29 10.97
CA ARG A 349 0.07 0.48 12.12
C ARG A 349 1.15 0.76 13.16
N PHE A 350 2.05 -0.18 13.41
CA PHE A 350 3.07 0.09 14.41
C PHE A 350 4.24 0.94 13.88
N PHE A 351 4.34 1.13 12.56
CA PHE A 351 5.24 2.16 12.02
C PHE A 351 4.61 3.54 12.16
N ILE A 352 3.28 3.63 12.18
CA ILE A 352 2.63 4.89 12.49
C ILE A 352 3.10 5.35 13.87
N SER A 353 3.09 4.46 14.85
CA SER A 353 3.35 4.87 16.23
C SER A 353 4.80 4.73 16.69
N ASN A 354 5.64 4.07 15.90
CA ASN A 354 7.05 3.86 16.27
C ASN A 354 7.97 4.30 15.14
N PRO A 355 8.46 5.55 15.19
CA PRO A 355 9.34 5.98 14.11
C PRO A 355 10.62 5.16 14.02
N ASP A 356 11.08 4.69 15.19
CA ASP A 356 12.26 3.84 15.29
C ASP A 356 11.88 2.36 15.39
N LEU A 357 10.84 1.95 14.67
CA LEU A 357 10.39 0.56 14.78
C LEU A 357 11.51 -0.42 14.47
N VAL A 358 12.36 -0.10 13.49
CA VAL A 358 13.35 -1.11 13.09
C VAL A 358 14.30 -1.44 14.27
N ASP A 359 14.80 -0.41 14.95
CA ASP A 359 15.64 -0.64 16.12
C ASP A 359 14.89 -1.50 17.13
N ARG A 360 13.61 -1.21 17.35
CA ARG A 360 12.82 -1.95 18.34
C ARG A 360 12.68 -3.42 17.96
N LEU A 361 12.54 -3.69 16.66
CA LEU A 361 12.47 -5.06 16.20
C LEU A 361 13.79 -5.79 16.38
N GLU A 362 14.90 -5.15 16.01
CA GLU A 362 16.20 -5.78 16.17
C GLU A 362 16.47 -6.16 17.61
N LYS A 363 16.14 -5.22 18.51
CA LYS A 363 16.59 -5.28 19.89
CA LYS A 363 16.56 -5.27 19.91
C LYS A 363 15.51 -5.82 20.86
N GLY A 364 14.32 -6.10 20.36
CA GLY A 364 13.26 -6.65 21.21
C GLY A 364 12.76 -5.67 22.26
N LEU A 365 12.50 -4.43 21.84
CA LEU A 365 12.07 -3.36 22.72
C LEU A 365 10.55 -3.25 22.75
N PRO A 366 10.01 -2.67 23.81
CA PRO A 366 8.57 -2.36 23.84
C PRO A 366 8.15 -1.50 22.67
N LEU A 367 6.88 -1.61 22.28
CA LEU A 367 6.32 -0.83 21.18
C LEU A 367 5.38 0.23 21.72
N ASN A 368 5.45 1.43 21.13
CA ASN A 368 4.46 2.45 21.42
C ASN A 368 3.09 2.00 20.92
N LYS A 369 2.08 2.14 21.77
CA LYS A 369 0.69 1.97 21.36
CA LYS A 369 0.70 1.98 21.37
C LYS A 369 0.35 3.02 20.32
N TYR A 370 -0.44 2.64 19.33
CA TYR A 370 -0.92 3.62 18.37
C TYR A 370 -2.25 4.22 18.81
N ASP A 371 -2.58 5.35 18.22
CA ASP A 371 -3.80 6.08 18.48
C ASP A 371 -4.62 6.12 17.20
N ARG A 372 -5.58 5.21 17.08
CA ARG A 372 -6.35 5.09 15.85
CA ARG A 372 -6.32 5.11 15.83
C ARG A 372 -7.08 6.40 15.50
N ASP A 373 -7.46 7.16 16.52
CA ASP A 373 -8.22 8.39 16.29
C ASP A 373 -7.45 9.40 15.45
N THR A 374 -6.12 9.33 15.45
CA THR A 374 -5.32 10.27 14.68
C THR A 374 -4.67 9.62 13.44
N PHE A 375 -5.13 8.42 13.07
CA PHE A 375 -4.66 7.83 11.82
C PHE A 375 -4.96 8.76 10.64
N TYR A 376 -6.18 9.26 10.63
N TYR A 376 -6.18 9.31 10.63
CA TYR A 376 -6.64 10.21 9.62
CA TYR A 376 -6.62 10.25 9.60
C TYR A 376 -7.02 11.43 10.43
C TYR A 376 -7.14 11.52 10.24
N GLN A 377 -6.27 12.51 10.34
CA GLN A 377 -6.56 13.72 11.08
C GLN A 377 -5.68 14.77 10.50
N MET A 378 -6.14 16.02 10.50
CA MET A 378 -5.30 17.09 9.97
C MET A 378 -4.48 17.65 11.11
N SER A 379 -3.46 16.91 11.51
CA SER A 379 -2.67 17.27 12.68
C SER A 379 -1.28 16.70 12.68
N ALA A 380 -0.36 17.45 13.26
CA ALA A 380 0.93 16.92 13.64
C ALA A 380 0.79 15.90 14.76
N HIS A 381 -0.17 16.13 15.65
CA HIS A 381 -0.42 15.20 16.74
C HIS A 381 -0.86 13.84 16.18
N GLY A 382 -0.22 12.77 16.65
CA GLY A 382 -0.49 11.45 16.12
C GLY A 382 0.11 11.21 14.75
N TYR A 383 1.04 12.08 14.35
CA TYR A 383 1.69 12.00 13.05
C TYR A 383 3.21 12.09 13.22
N ILE A 384 3.67 13.19 13.80
CA ILE A 384 5.09 13.42 13.99
C ILE A 384 5.52 13.55 15.46
N ASP A 385 4.61 13.30 16.40
CA ASP A 385 4.97 13.42 17.82
C ASP A 385 4.99 12.11 18.58
N TYR A 386 4.94 10.97 17.89
CA TYR A 386 5.23 9.72 18.56
C TYR A 386 6.73 9.64 18.86
N PRO A 387 7.09 9.25 20.09
CA PRO A 387 8.50 9.25 20.48
C PRO A 387 9.28 8.04 20.01
N THR A 388 10.59 8.23 19.84
CA THR A 388 11.49 7.08 19.75
C THR A 388 11.52 6.37 21.11
N TYR A 389 12.15 5.20 21.16
CA TYR A 389 12.25 4.48 22.42
C TYR A 389 12.93 5.31 23.50
N GLU A 390 14.02 6.00 23.13
CA GLU A 390 14.76 6.82 24.07
C GLU A 390 13.87 7.95 24.61
N GLU A 391 13.15 8.60 23.70
CA GLU A 391 12.29 9.71 24.08
C GLU A 391 11.16 9.19 24.98
N ALA A 392 10.65 7.99 24.70
CA ALA A 392 9.61 7.39 25.52
C ALA A 392 10.12 7.08 26.94
N LEU A 393 11.36 6.58 27.05
CA LEU A 393 11.94 6.37 28.37
C LEU A 393 11.99 7.68 29.14
N LYS A 394 12.42 8.74 28.47
CA LYS A 394 12.51 10.04 29.15
C LYS A 394 11.14 10.53 29.62
N LEU A 395 10.08 10.14 28.90
CA LEU A 395 8.71 10.49 29.30
C LEU A 395 8.18 9.58 30.40
N GLY A 396 8.95 8.56 30.78
CA GLY A 396 8.57 7.66 31.85
C GLY A 396 7.66 6.51 31.43
N TRP A 397 7.65 6.16 30.13
CA TRP A 397 6.71 5.15 29.64
C TRP A 397 7.09 3.74 30.09
N ASP A 398 8.31 3.58 30.55
CA ASP A 398 8.72 2.29 31.07
C ASP A 398 8.00 1.99 32.39
N LYS A 399 7.33 3.00 32.94
CA LYS A 399 6.56 2.82 34.17
C LYS A 399 5.05 2.86 33.91
N LYS A 400 4.58 3.96 33.32
CA LYS A 400 3.16 4.17 33.05
C LYS A 400 2.41 2.91 32.64
N1 FMN B . -2.81 -0.02 2.17
C2 FMN B . -2.54 0.43 0.91
O2 FMN B . -2.26 -0.37 0.01
N3 FMN B . -2.54 1.77 0.64
C4 FMN B . -2.87 2.72 1.59
O4 FMN B . -2.83 3.92 1.26
C4A FMN B . -3.14 2.27 2.88
N5 FMN B . -3.47 3.15 3.88
C5A FMN B . -3.66 2.69 5.17
C6 FMN B . -3.92 3.61 6.18
C7 FMN B . -4.13 3.17 7.49
C7M FMN B . -4.41 4.17 8.57
C8 FMN B . -4.09 1.81 7.76
C8M FMN B . -4.32 1.30 9.16
C9 FMN B . -3.79 0.89 6.75
C9A FMN B . -3.59 1.32 5.44
N10 FMN B . -3.30 0.43 4.42
C10 FMN B . -3.08 0.90 3.15
C1' FMN B . -3.11 -1.02 4.70
C2' FMN B . -1.70 -1.23 5.27
O2' FMN B . -0.69 -1.00 4.29
C3' FMN B . -1.48 -2.65 5.81
O3' FMN B . -1.62 -3.61 4.76
C4' FMN B . -2.43 -3.03 6.96
O4' FMN B . -2.57 -1.94 7.85
C5' FMN B . -1.98 -4.31 7.67
O5' FMN B . -0.68 -4.20 8.22
P FMN B . -0.47 -3.87 9.80
O1P FMN B . -1.23 -4.90 10.61
O2P FMN B . -1.01 -2.48 10.05
O3P FMN B . 1.04 -3.96 10.00
HN3 FMN B . -2.27 2.09 -0.32
H6 FMN B . -3.96 4.67 5.95
HM71 FMN B . -4.56 3.66 9.52
HM72 FMN B . -3.58 4.86 8.66
HM73 FMN B . -5.31 4.73 8.32
HM81 FMN B . -4.22 0.22 9.17
HM82 FMN B . -5.32 1.57 9.49
HM83 FMN B . -3.58 1.74 9.83
H9 FMN B . -3.74 -0.17 6.98
H1'1 FMN B . -3.24 -1.60 3.77
H1'2 FMN B . -3.87 -1.36 5.42
H2' FMN B . -1.56 -0.53 6.09
HO2' FMN B . -0.12 -1.79 4.19
H3' FMN B . -0.46 -2.71 6.19
HO3' FMN B . -2.27 -4.27 5.01
H4' FMN B . -3.40 -3.24 6.51
HO4' FMN B . -2.35 -2.25 8.76
H5'1 FMN B . -2.00 -5.14 6.96
H5'2 FMN B . -2.69 -4.54 8.47
MG MG C . -7.23 11.46 21.62
C1 PEG D . 2.10 10.98 20.77
O1 PEG D . 2.54 9.84 21.40
C2 PEG D . 0.84 10.71 20.04
O2 PEG D . -0.19 10.45 20.92
C3 PEG D . -1.40 10.15 20.34
C4 PEG D . -2.50 10.20 21.34
O4 PEG D . -2.35 9.16 22.23
C1 PEG E . -11.63 19.54 3.49
O1 PEG E . -10.28 19.73 3.31
C2 PEG E . -12.32 19.39 2.17
O2 PEG E . -12.39 20.61 1.54
C3 PEG E . -13.50 20.93 0.77
C4 PEG E . -13.58 22.41 0.48
O4 PEG E . -14.38 23.05 1.40
C1 PEG F . 1.25 21.92 14.91
O1 PEG F . 2.28 22.62 15.50
C2 PEG F . 0.25 22.89 14.35
O2 PEG F . 0.84 23.58 13.32
C3 PEG F . 0.07 24.15 12.32
C4 PEG F . 0.71 25.37 11.76
O4 PEG F . 2.08 25.25 11.72
MG MG G . -9.35 11.36 13.04
CL CL H . -5.77 1.17 0.80
CL CL I . -12.73 13.86 1.71
MG MG J . -25.83 4.42 -15.86
NA NA K . 3.54 22.94 12.78
#